data_8AK9
#
_entry.id   8AK9
#
_cell.length_a   91.047
_cell.length_b   91.047
_cell.length_c   143.934
_cell.angle_alpha   90.000
_cell.angle_beta   90.000
_cell.angle_gamma   120.000
#
_symmetry.space_group_name_H-M   'P 63'
#
loop_
_entity.id
_entity.type
_entity.pdbx_description
1 polymer 'NAD-dependent protein deacetylase sirtuin-6'
2 non-polymer '[(2R,3S,4R,5R)-5-(6-AMINOPURIN-9-YL)-3,4-DIHYDROXY-OXOLAN-2-YL]METHYL [HYDROXY-[[(2R,3S,4R,5S)-3,4,5-TRIHYDROXYOXOLAN-2-YL]METHOXY]PHOSPHORYL] HYDROGEN PHOSPHATE'
3 non-polymer 'ZINC ION'
4 non-polymer 1,2-ETHANEDIOL
5 non-polymer 'TETRAETHYLENE GLYCOL'
6 non-polymer 'SULFATE ION'
7 non-polymer ISATIN
8 non-polymer 'CHLORIDE ION'
9 non-polymer DI(HYDROXYETHYL)ETHER
10 water water
#
_entity_poly.entity_id   1
_entity_poly.type   'polypeptide(L)'
_entity_poly.pdbx_seq_one_letter_code
;GIDPFTADKGKCGLPEIFDPPEELERKVWELARLVWQSSSVVFHTGAGISTASGIPDFRGPHGVWTMEERGLAPKFDTTF
ESARPTQTHMALVQLERVGLLRFLVSQNVDGLHVRSGFPRDKLAELHGNMFVEECAKCKTQYVRDTVVGTMGLKATGRLC
TVAKARGLRACRGELRDTILDWEDSLPDRDLALADEASRNADLSITLGTSLQIRPSGNLPLATKRRGGRLVIVNLQPTKH
DRHADLRIHGYVDEVMTRLMKHLGLEIPAWDGPRVLERALPPLPRPPTPKLEPKEESPTRIN
;
_entity_poly.pdbx_strand_id   A,B
#
# COMPACT_ATOMS: atom_id res chain seq x y z
N GLY A 1 -21.06 9.17 3.31
CA GLY A 1 -21.75 10.07 4.29
C GLY A 1 -20.77 10.95 5.01
N ILE A 2 -20.25 11.97 4.32
CA ILE A 2 -19.13 12.85 4.78
C ILE A 2 -19.40 14.30 4.30
N ASP A 3 -19.63 15.22 5.25
CA ASP A 3 -20.22 16.59 5.05
C ASP A 3 -19.35 17.48 4.16
N PRO A 4 -19.95 18.45 3.42
CA PRO A 4 -19.20 19.48 2.72
C PRO A 4 -19.40 20.97 3.10
N PHE A 5 -20.16 21.31 4.16
CA PHE A 5 -20.61 22.72 4.39
C PHE A 5 -20.20 23.30 5.74
N THR A 6 -21.02 23.11 6.79
CA THR A 6 -20.90 23.81 8.10
C THR A 6 -19.54 23.47 8.74
N ALA A 7 -18.93 22.39 8.28
CA ALA A 7 -17.54 22.01 8.64
C ALA A 7 -16.55 22.97 8.00
N ASP A 8 -15.81 23.72 8.83
CA ASP A 8 -14.50 24.35 8.48
C ASP A 8 -13.44 23.23 8.40
N LYS A 9 -12.84 23.06 7.21
CA LYS A 9 -11.97 21.90 6.90
C LYS A 9 -10.51 22.35 6.82
N GLY A 10 -10.20 23.53 7.39
CA GLY A 10 -8.84 24.08 7.53
C GLY A 10 -8.18 24.28 6.17
N LYS A 11 -6.85 24.42 6.17
CA LYS A 11 -6.06 24.68 4.94
C LYS A 11 -5.83 23.35 4.23
N CYS A 12 -6.29 23.27 2.99
CA CYS A 12 -6.29 22.05 2.14
C CYS A 12 -5.44 22.34 0.90
N GLY A 13 -4.68 21.36 0.42
CA GLY A 13 -3.94 21.42 -0.86
C GLY A 13 -2.64 22.20 -0.82
N LEU A 14 -2.12 22.56 0.37
CA LEU A 14 -0.82 23.24 0.47
C LEU A 14 0.24 22.41 -0.27
N PRO A 15 1.34 23.06 -0.72
CA PRO A 15 2.36 22.38 -1.51
C PRO A 15 3.14 21.36 -0.66
N GLU A 16 3.63 20.30 -1.29
CA GLU A 16 4.49 19.32 -0.60
C GLU A 16 5.91 19.88 -0.52
N ILE A 17 6.60 19.56 0.57
CA ILE A 17 8.06 19.79 0.74
C ILE A 17 8.72 18.42 0.68
N PHE A 18 9.79 18.29 -0.10
CA PHE A 18 10.69 17.10 -0.10
C PHE A 18 12.07 17.56 0.37
N ASP A 19 12.46 17.19 1.59
CA ASP A 19 13.86 17.33 2.07
C ASP A 19 14.72 16.61 1.04
N PRO A 20 15.86 17.19 0.59
CA PRO A 20 16.77 16.46 -0.30
C PRO A 20 17.39 15.27 0.42
N PRO A 21 17.85 14.24 -0.31
CA PRO A 21 18.27 12.97 0.30
C PRO A 21 19.26 13.07 1.47
N GLU A 22 20.22 14.00 1.37
CA GLU A 22 21.35 14.13 2.32
C GLU A 22 20.80 14.79 3.59
N GLU A 23 19.78 15.63 3.47
CA GLU A 23 19.15 16.35 4.61
C GLU A 23 18.15 15.39 5.27
N LEU A 24 17.56 14.52 4.45
CA LEU A 24 16.58 13.51 4.94
C LEU A 24 17.35 12.49 5.77
N GLU A 25 18.47 11.98 5.25
CA GLU A 25 19.29 10.97 5.95
C GLU A 25 19.78 11.53 7.30
N ARG A 26 20.23 12.78 7.33
CA ARG A 26 20.73 13.40 8.58
C ARG A 26 19.57 13.53 9.58
N LYS A 27 18.41 13.99 9.13
CA LYS A 27 17.29 14.24 10.04
C LYS A 27 16.79 12.91 10.65
N VAL A 28 16.84 11.82 9.90
CA VAL A 28 16.32 10.51 10.40
C VAL A 28 17.31 9.93 11.41
N TRP A 29 18.60 10.24 11.28
CA TRP A 29 19.66 9.87 12.27
C TRP A 29 19.45 10.65 13.57
N GLU A 30 19.12 11.93 13.45
CA GLU A 30 18.77 12.80 14.59
C GLU A 30 17.49 12.28 15.26
N LEU A 31 16.52 11.78 14.49
CA LEU A 31 15.26 11.19 15.05
C LEU A 31 15.65 9.92 15.81
N ALA A 32 16.55 9.12 15.23
CA ALA A 32 17.14 7.92 15.90
C ALA A 32 17.73 8.32 17.25
N ARG A 33 18.64 9.30 17.25
CA ARG A 33 19.30 9.86 18.47
C ARG A 33 18.21 10.21 19.48
N LEU A 34 17.12 10.82 19.02
CA LEU A 34 16.05 11.34 19.93
C LEU A 34 15.27 10.18 20.55
N VAL A 35 15.03 9.11 19.79
CA VAL A 35 14.28 7.93 20.29
C VAL A 35 15.16 7.29 21.39
N TRP A 36 16.46 7.11 21.09
CA TRP A 36 17.45 6.52 22.01
C TRP A 36 17.51 7.33 23.31
N GLN A 37 17.44 8.65 23.25
CA GLN A 37 17.57 9.53 24.45
C GLN A 37 16.29 9.52 25.28
N SER A 38 15.19 9.05 24.71
CA SER A 38 13.83 9.32 25.25
C SER A 38 13.38 8.18 26.15
N SER A 39 12.89 8.54 27.33
CA SER A 39 12.23 7.64 28.30
C SER A 39 10.87 7.21 27.77
N SER A 40 10.12 8.16 27.20
CA SER A 40 8.67 8.01 26.89
C SER A 40 8.34 8.68 25.55
N VAL A 41 8.27 7.85 24.50
CA VAL A 41 7.96 8.25 23.10
C VAL A 41 6.49 7.95 22.79
N VAL A 42 5.71 9.00 22.53
CA VAL A 42 4.31 8.92 22.08
C VAL A 42 4.28 9.28 20.59
N PHE A 43 3.56 8.49 19.80
CA PHE A 43 3.41 8.72 18.34
C PHE A 43 1.99 9.18 18.12
N HIS A 44 1.86 10.14 17.21
CA HIS A 44 0.58 10.74 16.77
C HIS A 44 0.43 10.48 15.28
N THR A 45 -0.58 9.71 14.87
CA THR A 45 -0.82 9.40 13.44
C THR A 45 -2.14 10.00 12.93
N GLY A 46 -2.11 10.39 11.66
CA GLY A 46 -3.20 10.90 10.82
C GLY A 46 -3.05 10.26 9.44
N ALA A 47 -3.88 10.67 8.51
CA ALA A 47 -4.33 9.89 7.34
C ALA A 47 -3.18 9.65 6.35
N GLY A 48 -2.13 10.45 6.44
CA GLY A 48 -0.86 10.34 5.69
C GLY A 48 -0.13 9.02 5.91
N ILE A 49 -0.26 8.36 7.05
CA ILE A 49 0.36 6.99 7.17
C ILE A 49 -0.44 5.93 6.41
N SER A 50 -1.61 6.21 5.84
CA SER A 50 -2.44 5.17 5.18
C SER A 50 -2.49 5.43 3.67
N THR A 51 -1.94 6.53 3.20
CA THR A 51 -1.99 6.88 1.75
C THR A 51 -1.29 5.79 0.93
N ALA A 52 -0.14 5.27 1.40
CA ALA A 52 0.64 4.18 0.74
C ALA A 52 -0.09 2.82 0.77
N SER A 53 -1.19 2.69 1.50
CA SER A 53 -2.18 1.57 1.44
C SER A 53 -3.26 1.74 0.36
N GLY A 54 -3.40 2.92 -0.28
CA GLY A 54 -4.52 3.17 -1.20
C GLY A 54 -5.59 4.07 -0.62
N ILE A 55 -5.50 4.46 0.65
CA ILE A 55 -6.52 5.32 1.35
C ILE A 55 -6.09 6.78 1.21
N PRO A 56 -6.87 7.63 0.50
CA PRO A 56 -6.50 9.02 0.32
C PRO A 56 -6.64 9.74 1.68
N ASP A 57 -5.79 10.74 1.92
CA ASP A 57 -5.86 11.61 3.13
C ASP A 57 -6.95 12.67 2.91
N PHE A 58 -7.01 13.68 3.78
CA PHE A 58 -8.05 14.73 3.74
C PHE A 58 -7.52 15.97 3.02
N ARG A 59 -6.27 16.39 3.24
CA ARG A 59 -5.83 17.76 2.91
C ARG A 59 -4.58 17.78 2.05
N GLY A 60 -4.08 16.61 1.66
CA GLY A 60 -2.96 16.48 0.72
C GLY A 60 -3.42 16.86 -0.68
N PRO A 61 -2.53 16.80 -1.71
CA PRO A 61 -2.88 17.28 -3.04
C PRO A 61 -4.14 16.59 -3.58
N HIS A 62 -4.28 15.29 -3.35
CA HIS A 62 -5.46 14.49 -3.77
C HIS A 62 -6.28 14.07 -2.55
N GLY A 63 -6.23 14.84 -1.47
CA GLY A 63 -7.08 14.53 -0.30
C GLY A 63 -8.57 14.75 -0.57
N VAL A 64 -9.43 14.10 0.23
CA VAL A 64 -10.92 14.15 0.19
C VAL A 64 -11.38 15.61 0.12
N TRP A 65 -11.10 16.43 1.14
CA TRP A 65 -11.47 17.87 1.18
C TRP A 65 -10.80 18.66 0.03
N THR A 66 -9.52 18.42 -0.26
CA THR A 66 -8.81 19.11 -1.36
C THR A 66 -9.60 18.92 -2.66
N MET A 67 -9.94 17.67 -2.99
CA MET A 67 -10.59 17.32 -4.27
C MET A 67 -12.04 17.87 -4.29
N GLU A 68 -12.78 17.83 -3.18
CA GLU A 68 -14.16 18.36 -3.08
C GLU A 68 -14.16 19.87 -3.39
N GLU A 69 -13.19 20.61 -2.87
CA GLU A 69 -13.02 22.07 -3.08
C GLU A 69 -12.84 22.39 -4.56
N ARG A 70 -12.30 21.47 -5.39
CA ARG A 70 -12.13 21.67 -6.85
C ARG A 70 -13.15 20.83 -7.64
N GLY A 71 -14.20 20.32 -6.97
CA GLY A 71 -15.26 19.54 -7.63
C GLY A 71 -14.77 18.19 -8.15
N LEU A 72 -13.73 17.60 -7.56
CA LEU A 72 -13.29 16.25 -7.95
C LEU A 72 -13.59 15.32 -6.80
N ALA A 73 -13.42 14.01 -7.02
CA ALA A 73 -13.68 12.96 -6.01
C ALA A 73 -12.33 12.44 -5.54
N PRO A 74 -12.20 12.01 -4.27
CA PRO A 74 -11.01 11.27 -3.83
C PRO A 74 -11.01 9.92 -4.54
N LYS A 75 -9.85 9.27 -4.61
CA LYS A 75 -9.74 7.94 -5.27
C LYS A 75 -9.13 6.97 -4.25
N PHE A 76 -9.79 5.83 -4.11
CA PHE A 76 -9.45 4.68 -3.24
C PHE A 76 -8.87 3.61 -4.17
N ASP A 77 -7.68 3.11 -3.86
CA ASP A 77 -7.04 1.99 -4.59
C ASP A 77 -7.31 0.71 -3.81
N THR A 78 -8.15 0.79 -2.78
CA THR A 78 -8.50 -0.35 -1.91
C THR A 78 -9.84 -0.09 -1.21
N THR A 79 -10.48 -1.15 -0.71
CA THR A 79 -11.55 -1.03 0.30
C THR A 79 -10.88 -0.95 1.67
N PHE A 80 -11.63 -0.49 2.65
CA PHE A 80 -11.12 -0.43 4.04
C PHE A 80 -10.76 -1.85 4.45
N GLU A 81 -11.59 -2.82 4.02
CA GLU A 81 -11.47 -4.26 4.35
C GLU A 81 -10.24 -4.89 3.69
N SER A 82 -9.93 -4.52 2.45
CA SER A 82 -8.77 -5.07 1.70
C SER A 82 -7.48 -4.26 1.95
N ALA A 83 -7.54 -3.21 2.76
CA ALA A 83 -6.36 -2.34 3.00
C ALA A 83 -5.32 -3.09 3.86
N ARG A 84 -4.08 -3.16 3.40
CA ARG A 84 -2.97 -3.70 4.24
C ARG A 84 -2.33 -2.54 5.01
N PRO A 85 -2.04 -2.75 6.29
CA PRO A 85 -1.18 -1.82 7.04
C PRO A 85 0.14 -1.56 6.29
N THR A 86 0.59 -0.33 6.33
CA THR A 86 1.86 0.12 5.72
C THR A 86 3.00 -0.33 6.61
N GLN A 87 4.18 -0.27 6.02
CA GLN A 87 5.52 -0.37 6.65
C GLN A 87 5.53 0.52 7.90
N THR A 88 4.94 1.70 7.84
CA THR A 88 4.79 2.64 9.00
C THR A 88 3.93 1.99 10.07
N HIS A 89 2.80 1.38 9.68
CA HIS A 89 1.87 0.71 10.61
C HIS A 89 2.62 -0.37 11.39
N MET A 90 3.38 -1.18 10.64
CA MET A 90 4.09 -2.34 11.16
C MET A 90 5.33 -1.86 11.92
N ALA A 91 6.03 -0.81 11.49
CA ALA A 91 7.16 -0.24 12.26
C ALA A 91 6.62 0.13 13.65
N LEU A 92 5.43 0.73 13.74
CA LEU A 92 4.89 1.21 15.04
C LEU A 92 4.56 0.02 15.96
N VAL A 93 4.15 -1.13 15.38
CA VAL A 93 3.85 -2.42 16.07
C VAL A 93 5.14 -2.88 16.78
N GLN A 94 6.25 -2.90 16.03
CA GLN A 94 7.55 -3.41 16.50
C GLN A 94 8.13 -2.49 17.56
N LEU A 95 7.92 -1.20 17.43
CA LEU A 95 8.46 -0.18 18.37
C LEU A 95 7.74 -0.33 19.70
N GLU A 96 6.43 -0.55 19.65
CA GLU A 96 5.64 -0.85 20.89
C GLU A 96 6.16 -2.18 21.49
N ARG A 97 6.48 -3.21 20.67
CA ARG A 97 6.77 -4.56 21.20
C ARG A 97 8.14 -4.56 21.89
N VAL A 98 9.08 -3.76 21.40
CA VAL A 98 10.47 -3.65 21.96
C VAL A 98 10.53 -2.55 23.02
N GLY A 99 9.40 -1.93 23.36
CA GLY A 99 9.28 -0.99 24.50
C GLY A 99 9.78 0.41 24.18
N LEU A 100 9.96 0.76 22.91
CA LEU A 100 10.39 2.12 22.49
C LEU A 100 9.20 3.04 22.18
N LEU A 101 7.97 2.55 22.19
CA LEU A 101 6.76 3.37 22.02
C LEU A 101 5.89 3.17 23.28
N ARG A 102 5.64 4.23 24.03
CA ARG A 102 4.76 4.19 25.24
C ARG A 102 3.28 4.29 24.82
N PHE A 103 2.93 5.15 23.86
CA PHE A 103 1.52 5.34 23.47
C PHE A 103 1.38 5.84 22.02
N LEU A 104 0.28 5.42 21.42
CA LEU A 104 -0.09 5.73 20.02
C LEU A 104 -1.42 6.45 20.04
N VAL A 105 -1.42 7.69 19.58
CA VAL A 105 -2.64 8.53 19.41
C VAL A 105 -2.92 8.71 17.92
N SER A 106 -4.08 8.23 17.45
CA SER A 106 -4.45 8.27 16.02
C SER A 106 -5.79 8.95 15.84
N GLN A 107 -5.81 9.85 14.87
CA GLN A 107 -7.02 10.47 14.31
C GLN A 107 -7.65 9.56 13.26
N ASN A 108 -6.99 8.45 12.87
CA ASN A 108 -7.50 7.62 11.74
C ASN A 108 -8.65 6.74 12.20
N VAL A 109 -9.69 6.69 11.36
CA VAL A 109 -10.88 5.82 11.47
C VAL A 109 -10.73 4.61 10.53
N ASP A 110 -9.59 4.46 9.87
CA ASP A 110 -9.39 3.39 8.84
C ASP A 110 -9.22 1.99 9.46
N GLY A 111 -9.14 1.91 10.80
CA GLY A 111 -9.04 0.65 11.55
C GLY A 111 -7.70 -0.09 11.45
N LEU A 112 -6.69 0.44 10.76
CA LEU A 112 -5.48 -0.34 10.37
C LEU A 112 -4.53 -0.53 11.55
N HIS A 113 -4.44 0.43 12.47
CA HIS A 113 -3.62 0.24 13.68
C HIS A 113 -4.09 -1.05 14.35
N VAL A 114 -5.40 -1.17 14.61
CA VAL A 114 -6.01 -2.34 15.30
C VAL A 114 -5.72 -3.60 14.46
N ARG A 115 -5.98 -3.56 13.16
CA ARG A 115 -5.82 -4.78 12.30
C ARG A 115 -4.34 -5.13 12.16
N SER A 116 -3.44 -4.16 12.33
CA SER A 116 -1.96 -4.36 12.31
C SER A 116 -1.52 -5.27 13.46
N GLY A 117 -2.31 -5.39 14.53
CA GLY A 117 -1.98 -6.17 15.74
C GLY A 117 -1.53 -5.25 16.87
N PHE A 118 -1.70 -3.94 16.71
CA PHE A 118 -1.19 -2.95 17.69
C PHE A 118 -2.01 -3.09 18.99
N PRO A 119 -1.42 -3.17 20.20
CA PRO A 119 -2.25 -3.32 21.40
C PRO A 119 -3.18 -2.11 21.63
N ARG A 120 -4.47 -2.37 21.72
CA ARG A 120 -5.58 -1.40 21.91
C ARG A 120 -5.45 -0.68 23.26
N ASP A 121 -4.82 -1.28 24.26
CA ASP A 121 -4.63 -0.59 25.57
C ASP A 121 -3.47 0.41 25.47
N LYS A 122 -2.77 0.53 24.34
CA LYS A 122 -1.76 1.62 24.11
C LYS A 122 -2.15 2.49 22.91
N LEU A 123 -3.39 2.39 22.46
CA LEU A 123 -3.88 3.17 21.30
C LEU A 123 -5.10 3.98 21.71
N ALA A 124 -5.08 5.29 21.41
CA ALA A 124 -6.26 6.20 21.41
C ALA A 124 -6.70 6.41 19.97
N GLU A 125 -7.92 5.98 19.64
CA GLU A 125 -8.57 6.22 18.34
C GLU A 125 -9.51 7.43 18.50
N LEU A 126 -8.96 8.62 18.34
CA LEU A 126 -9.62 9.88 18.77
C LEU A 126 -10.90 10.11 17.99
N HIS A 127 -10.96 9.67 16.73
CA HIS A 127 -12.09 9.94 15.81
C HIS A 127 -12.89 8.68 15.56
N GLY A 128 -12.58 7.58 16.25
CA GLY A 128 -13.29 6.30 16.11
C GLY A 128 -12.63 5.37 15.11
N ASN A 129 -13.33 4.29 14.80
CA ASN A 129 -12.79 3.12 14.05
C ASN A 129 -13.93 2.56 13.23
N MET A 130 -13.82 2.58 11.89
CA MET A 130 -14.86 2.11 10.93
C MET A 130 -15.38 0.74 11.34
N PHE A 131 -14.50 -0.13 11.86
CA PHE A 131 -14.78 -1.56 12.12
C PHE A 131 -15.32 -1.74 13.55
N VAL A 132 -15.43 -0.69 14.35
CA VAL A 132 -15.73 -0.87 15.81
C VAL A 132 -17.13 -0.34 16.07
N GLU A 133 -17.99 -1.19 16.63
CA GLU A 133 -19.29 -0.75 17.19
C GLU A 133 -19.22 -0.92 18.70
N GLU A 134 -20.04 -0.14 19.40
CA GLU A 134 -20.03 0.03 20.88
C GLU A 134 -21.48 -0.06 21.41
N CYS A 135 -21.71 -0.82 22.46
CA CYS A 135 -23.03 -0.95 23.10
C CYS A 135 -23.33 0.37 23.80
N ALA A 136 -24.47 0.97 23.48
CA ALA A 136 -24.94 2.21 24.14
C ALA A 136 -25.06 1.95 25.65
N LYS A 137 -25.51 0.76 26.04
CA LYS A 137 -25.78 0.45 27.47
C LYS A 137 -24.49 0.13 28.22
N CYS A 138 -23.78 -0.95 27.86
CA CYS A 138 -22.64 -1.46 28.68
C CYS A 138 -21.30 -0.96 28.14
N LYS A 139 -21.29 -0.27 27.00
CA LYS A 139 -20.07 0.36 26.41
C LYS A 139 -19.14 -0.71 25.84
N THR A 140 -19.58 -1.98 25.75
CA THR A 140 -18.74 -3.09 25.22
C THR A 140 -18.49 -2.82 23.73
N GLN A 141 -17.23 -2.78 23.31
CA GLN A 141 -16.85 -2.55 21.89
C GLN A 141 -16.70 -3.90 21.17
N TYR A 142 -17.08 -3.93 19.90
CA TYR A 142 -16.90 -5.13 19.04
C TYR A 142 -16.03 -4.72 17.84
N VAL A 143 -14.92 -5.42 17.66
CA VAL A 143 -14.02 -5.16 16.50
C VAL A 143 -14.43 -6.14 15.42
N ARG A 144 -15.12 -5.65 14.37
CA ARG A 144 -15.72 -6.47 13.29
C ARG A 144 -14.70 -6.64 12.15
N ASP A 145 -14.90 -7.66 11.32
CA ASP A 145 -14.03 -8.02 10.16
C ASP A 145 -14.38 -7.15 8.95
N THR A 146 -15.55 -6.50 8.97
CA THR A 146 -16.04 -5.59 7.89
C THR A 146 -16.39 -4.25 8.52
N VAL A 147 -16.41 -3.19 7.71
CA VAL A 147 -16.70 -1.82 8.22
C VAL A 147 -18.14 -1.84 8.72
N VAL A 148 -18.35 -1.28 9.91
CA VAL A 148 -19.70 -1.02 10.48
C VAL A 148 -20.34 0.04 9.57
N GLY A 149 -21.48 -0.27 8.97
CA GLY A 149 -22.01 0.44 7.78
C GLY A 149 -22.70 1.77 8.07
N THR A 150 -22.59 2.34 9.26
CA THR A 150 -23.14 3.69 9.60
C THR A 150 -22.01 4.62 10.04
N MET A 151 -22.30 5.91 10.21
CA MET A 151 -21.35 6.94 10.70
C MET A 151 -22.11 7.92 11.58
N GLY A 152 -21.43 8.58 12.53
CA GLY A 152 -22.05 9.60 13.40
C GLY A 152 -22.79 8.99 14.58
N LEU A 153 -22.31 7.86 15.12
CA LEU A 153 -22.74 7.28 16.43
C LEU A 153 -24.20 6.82 16.37
N LYS A 154 -24.61 6.25 15.22
CA LYS A 154 -25.99 5.78 14.93
C LYS A 154 -26.11 4.28 15.22
N ALA A 155 -27.33 3.80 15.41
CA ALA A 155 -27.66 2.37 15.57
C ALA A 155 -27.25 1.63 14.29
N THR A 156 -26.52 0.52 14.43
CA THR A 156 -25.93 -0.26 13.30
C THR A 156 -26.95 -1.29 12.78
N GLY A 157 -27.90 -1.68 13.64
CA GLY A 157 -28.84 -2.80 13.40
C GLY A 157 -28.60 -3.96 14.35
N ARG A 158 -27.35 -4.24 14.72
CA ARG A 158 -26.98 -5.40 15.60
C ARG A 158 -27.18 -5.01 17.07
N LEU A 159 -27.25 -6.01 17.95
CA LEU A 159 -27.45 -5.87 19.43
C LEU A 159 -26.27 -6.50 20.20
N CYS A 160 -26.09 -6.04 21.43
CA CYS A 160 -25.06 -6.55 22.36
C CYS A 160 -25.32 -8.04 22.65
N THR A 161 -24.25 -8.83 22.81
CA THR A 161 -24.29 -10.30 23.07
C THR A 161 -23.69 -10.63 24.45
N VAL A 162 -23.32 -9.62 25.25
CA VAL A 162 -22.70 -9.80 26.59
C VAL A 162 -23.72 -10.49 27.52
N ALA A 163 -23.27 -11.54 28.21
CA ALA A 163 -24.06 -12.47 29.05
C ALA A 163 -25.01 -11.70 29.98
N CYS A 171 -27.92 -8.33 27.87
CA CYS A 171 -27.84 -6.86 27.60
C CYS A 171 -28.75 -6.51 26.41
N ARG A 172 -28.58 -7.21 25.29
CA ARG A 172 -29.30 -6.93 24.01
C ARG A 172 -29.29 -5.42 23.76
N GLY A 173 -28.26 -4.72 24.24
CA GLY A 173 -28.11 -3.25 24.08
C GLY A 173 -27.96 -2.86 22.62
N GLU A 174 -28.41 -1.66 22.27
CA GLU A 174 -28.31 -1.08 20.91
C GLU A 174 -26.82 -0.88 20.57
N LEU A 175 -26.34 -1.53 19.51
CA LEU A 175 -24.97 -1.36 18.99
C LEU A 175 -24.93 -0.14 18.07
N ARG A 176 -23.92 0.73 18.28
CA ARG A 176 -23.72 1.99 17.53
C ARG A 176 -22.27 2.06 17.00
N ASP A 177 -22.07 2.73 15.87
CA ASP A 177 -20.72 3.02 15.32
C ASP A 177 -19.99 3.97 16.28
N THR A 178 -18.67 4.12 16.08
CA THR A 178 -17.75 4.94 16.91
C THR A 178 -17.23 6.13 16.10
N ILE A 179 -17.75 6.33 14.87
CA ILE A 179 -17.29 7.42 13.96
C ILE A 179 -17.92 8.75 14.36
N LEU A 180 -17.13 9.63 14.99
CA LEU A 180 -17.53 11.02 15.38
C LEU A 180 -18.02 11.79 14.14
N ASP A 181 -19.18 12.46 14.27
CA ASP A 181 -19.58 13.53 13.32
C ASP A 181 -18.85 14.81 13.74
N TRP A 182 -18.90 15.86 12.89
CA TRP A 182 -18.27 17.18 13.16
C TRP A 182 -18.61 17.67 14.56
N GLU A 183 -19.87 17.53 15.00
CA GLU A 183 -20.41 18.15 16.25
C GLU A 183 -20.03 17.30 17.48
N ASP A 184 -19.69 16.03 17.28
CA ASP A 184 -19.53 15.04 18.38
C ASP A 184 -18.20 15.28 19.09
N SER A 185 -18.24 15.29 20.43
CA SER A 185 -17.07 15.28 21.34
C SER A 185 -16.21 14.04 21.08
N LEU A 186 -14.90 14.15 21.32
CA LEU A 186 -13.96 13.00 21.34
C LEU A 186 -14.35 12.06 22.49
N PRO A 187 -14.22 10.73 22.33
CA PRO A 187 -14.40 9.81 23.44
C PRO A 187 -13.48 10.17 24.63
N ASP A 188 -14.08 10.34 25.82
CA ASP A 188 -13.42 10.81 27.06
C ASP A 188 -12.28 9.87 27.47
N ARG A 189 -12.50 8.56 27.39
CA ARG A 189 -11.51 7.55 27.82
C ARG A 189 -10.24 7.74 26.98
N ASP A 190 -10.40 7.67 25.66
CA ASP A 190 -9.30 7.78 24.66
C ASP A 190 -8.59 9.13 24.80
N LEU A 191 -9.35 10.22 24.90
CA LEU A 191 -8.78 11.60 24.90
C LEU A 191 -8.01 11.84 26.20
N ALA A 192 -8.53 11.34 27.33
CA ALA A 192 -7.85 11.46 28.63
C ALA A 192 -6.53 10.69 28.59
N LEU A 193 -6.55 9.48 28.02
CA LEU A 193 -5.33 8.63 27.96
C LEU A 193 -4.34 9.27 26.97
N ALA A 194 -4.80 9.72 25.81
CA ALA A 194 -3.95 10.43 24.82
C ALA A 194 -3.34 11.66 25.49
N ASP A 195 -4.18 12.41 26.22
CA ASP A 195 -3.77 13.65 26.93
C ASP A 195 -2.70 13.33 27.98
N GLU A 196 -2.90 12.29 28.78
CA GLU A 196 -1.97 11.90 29.86
C GLU A 196 -0.64 11.43 29.24
N ALA A 197 -0.73 10.53 28.24
CA ALA A 197 0.45 10.04 27.49
C ALA A 197 1.26 11.22 26.95
N SER A 198 0.58 12.23 26.39
CA SER A 198 1.19 13.40 25.70
C SER A 198 1.87 14.34 26.70
N ARG A 199 1.23 14.65 27.83
CA ARG A 199 1.82 15.51 28.89
C ARG A 199 3.08 14.84 29.47
N ASN A 200 3.07 13.52 29.63
CA ASN A 200 4.15 12.75 30.29
C ASN A 200 5.27 12.38 29.31
N ALA A 201 5.04 12.50 27.99
CA ALA A 201 6.02 12.15 26.94
C ALA A 201 7.22 13.09 27.03
N ASP A 202 8.43 12.59 26.79
CA ASP A 202 9.64 13.42 26.55
C ASP A 202 9.93 13.44 25.04
N LEU A 203 9.16 12.68 24.26
CA LEU A 203 9.26 12.78 22.77
C LEU A 203 7.90 12.46 22.16
N SER A 204 7.36 13.38 21.37
CA SER A 204 6.13 13.12 20.59
C SER A 204 6.54 13.23 19.12
N ILE A 205 6.29 12.19 18.34
CA ILE A 205 6.59 12.18 16.88
C ILE A 205 5.24 12.15 16.18
N THR A 206 4.97 13.12 15.30
CA THR A 206 3.72 13.15 14.52
C THR A 206 4.04 12.54 13.15
N LEU A 207 3.16 11.70 12.63
CA LEU A 207 3.39 11.00 11.34
C LEU A 207 2.18 11.21 10.43
N GLY A 208 2.35 11.93 9.32
CA GLY A 208 1.30 12.07 8.30
C GLY A 208 0.02 12.67 8.88
N THR A 209 0.15 13.67 9.76
CA THR A 209 -0.98 14.52 10.19
C THR A 209 -0.61 15.99 9.93
N SER A 210 -1.60 16.81 9.54
CA SER A 210 -1.42 18.26 9.35
C SER A 210 -1.78 19.02 10.65
N LEU A 211 -2.23 18.32 11.70
CA LEU A 211 -2.37 18.88 13.08
C LEU A 211 -3.29 20.10 13.13
N GLN A 212 -4.36 20.10 12.35
CA GLN A 212 -5.25 21.27 12.17
C GLN A 212 -6.50 21.13 13.03
N ILE A 213 -6.72 19.95 13.65
CA ILE A 213 -8.01 19.62 14.30
C ILE A 213 -7.76 19.58 15.81
N ARG A 214 -8.47 20.44 16.53
CA ARG A 214 -8.48 20.50 18.02
C ARG A 214 -9.42 19.41 18.51
N PRO A 215 -9.12 18.73 19.64
CA PRO A 215 -7.83 18.86 20.33
C PRO A 215 -6.72 17.91 19.86
N SER A 216 -7.00 17.06 18.87
CA SER A 216 -6.07 16.00 18.40
C SER A 216 -4.70 16.60 18.08
N GLY A 217 -4.70 17.64 17.23
CA GLY A 217 -3.49 18.24 16.63
C GLY A 217 -2.74 19.13 17.59
N ASN A 218 -3.34 19.48 18.73
CA ASN A 218 -2.63 20.20 19.83
C ASN A 218 -1.95 19.23 20.80
N LEU A 219 -2.31 17.96 20.85
CA LEU A 219 -1.75 17.02 21.88
C LEU A 219 -0.24 16.95 21.80
N PRO A 220 0.37 16.78 20.61
CA PRO A 220 1.83 16.81 20.51
C PRO A 220 2.47 18.06 21.15
N LEU A 221 1.75 19.18 21.28
CA LEU A 221 2.32 20.42 21.89
C LEU A 221 2.44 20.25 23.40
N ALA A 222 1.53 19.48 24.01
CA ALA A 222 1.48 19.23 25.47
C ALA A 222 2.82 18.63 25.93
N THR A 223 3.52 17.92 25.04
CA THR A 223 4.83 17.29 25.32
C THR A 223 5.88 18.38 25.56
N LYS A 224 5.81 19.48 24.81
CA LYS A 224 6.81 20.56 24.90
C LYS A 224 6.85 21.17 26.30
N ARG A 225 5.71 21.21 26.99
CA ARG A 225 5.64 21.59 28.44
C ARG A 225 6.45 20.55 29.21
N ARG A 226 7.37 21.00 30.06
CA ARG A 226 8.30 20.17 30.89
C ARG A 226 9.49 19.73 30.02
N GLY A 227 9.67 20.40 28.88
CA GLY A 227 10.90 20.32 28.09
C GLY A 227 10.92 19.11 27.17
N GLY A 228 9.76 18.68 26.72
CA GLY A 228 9.60 17.54 25.81
C GLY A 228 10.00 17.93 24.42
N ARG A 229 10.46 16.96 23.62
CA ARG A 229 10.82 17.18 22.19
C ARG A 229 9.62 16.78 21.33
N LEU A 230 9.37 17.57 20.30
CA LEU A 230 8.34 17.35 19.27
C LEU A 230 9.07 17.16 17.94
N VAL A 231 8.77 16.08 17.22
CA VAL A 231 9.23 15.81 15.84
C VAL A 231 7.98 15.63 14.96
N ILE A 232 7.97 16.27 13.79
CA ILE A 232 6.82 16.32 12.86
C ILE A 232 7.28 15.71 11.54
N VAL A 233 6.77 14.54 11.17
CA VAL A 233 7.08 13.93 9.84
C VAL A 233 5.84 14.17 8.98
N ASN A 234 5.99 14.91 7.89
CA ASN A 234 4.84 15.32 7.07
C ASN A 234 5.32 15.89 5.74
N LEU A 235 4.60 15.62 4.66
CA LEU A 235 5.02 16.10 3.31
C LEU A 235 4.66 17.59 3.16
N GLN A 236 3.60 18.01 3.83
CA GLN A 236 3.07 19.39 3.82
C GLN A 236 3.41 20.06 5.15
N PRO A 237 3.40 21.41 5.17
CA PRO A 237 3.32 22.17 6.41
C PRO A 237 2.22 21.67 7.35
N THR A 238 2.34 21.97 8.64
CA THR A 238 1.38 21.59 9.70
C THR A 238 1.14 22.80 10.62
N LYS A 239 0.00 22.85 11.31
CA LYS A 239 -0.38 24.03 12.12
C LYS A 239 0.76 24.40 13.07
N HIS A 240 1.50 23.42 13.60
CA HIS A 240 2.48 23.62 14.68
C HIS A 240 3.93 23.38 14.23
N ASP A 241 4.26 23.46 12.93
CA ASP A 241 5.66 23.33 12.42
C ASP A 241 6.64 24.18 13.23
N ARG A 242 6.19 25.37 13.67
CA ARG A 242 6.97 26.39 14.42
C ARG A 242 7.50 25.81 15.74
N HIS A 243 6.77 24.87 16.36
CA HIS A 243 7.08 24.35 17.72
C HIS A 243 7.84 23.02 17.64
N ALA A 244 8.20 22.57 16.44
CA ALA A 244 8.93 21.30 16.19
C ALA A 244 10.43 21.47 16.44
N ASP A 245 11.07 20.55 17.17
CA ASP A 245 12.55 20.53 17.27
C ASP A 245 13.11 19.96 15.96
N LEU A 246 12.33 19.15 15.24
CA LEU A 246 12.74 18.47 13.97
C LEU A 246 11.50 18.38 13.07
N ARG A 247 11.60 18.81 11.81
CA ARG A 247 10.56 18.59 10.80
C ARG A 247 11.19 17.75 9.69
N ILE A 248 10.57 16.63 9.33
CA ILE A 248 11.08 15.72 8.27
C ILE A 248 10.02 15.67 7.18
N HIS A 249 10.36 16.24 6.04
CA HIS A 249 9.48 16.33 4.86
C HIS A 249 9.90 15.20 3.93
N GLY A 250 9.18 14.08 4.01
CA GLY A 250 9.43 12.81 3.30
C GLY A 250 8.26 11.88 3.46
N TYR A 251 8.20 10.84 2.61
CA TYR A 251 7.26 9.71 2.73
C TYR A 251 7.54 9.01 4.04
N VAL A 252 6.48 8.78 4.81
CA VAL A 252 6.62 8.34 6.23
C VAL A 252 7.20 6.91 6.18
N ASP A 253 6.86 6.14 5.16
CA ASP A 253 7.36 4.76 5.03
C ASP A 253 8.87 4.79 4.86
N GLU A 254 9.42 5.76 4.13
CA GLU A 254 10.87 5.92 3.94
C GLU A 254 11.50 6.31 5.28
N VAL A 255 10.92 7.30 5.96
CA VAL A 255 11.47 7.80 7.25
C VAL A 255 11.48 6.64 8.25
N MET A 256 10.36 5.94 8.41
CA MET A 256 10.25 4.85 9.43
C MET A 256 11.12 3.66 9.02
N THR A 257 11.24 3.35 7.73
CA THR A 257 12.11 2.23 7.28
C THR A 257 13.58 2.56 7.57
N ARG A 258 14.03 3.79 7.32
CA ARG A 258 15.42 4.21 7.63
C ARG A 258 15.56 4.26 9.15
N LEU A 259 14.57 4.75 9.88
CA LEU A 259 14.66 4.83 11.36
C LEU A 259 14.82 3.43 11.96
N MET A 260 13.92 2.49 11.63
CA MET A 260 13.99 1.09 12.13
C MET A 260 15.36 0.50 11.78
N LYS A 261 15.91 0.78 10.60
CA LYS A 261 17.27 0.34 10.22
C LYS A 261 18.29 0.90 11.22
N HIS A 262 18.23 2.21 11.53
CA HIS A 262 19.19 2.84 12.48
C HIS A 262 19.01 2.25 13.88
N LEU A 263 17.80 1.82 14.23
CA LEU A 263 17.52 1.30 15.58
C LEU A 263 17.88 -0.19 15.68
N GLY A 264 18.28 -0.83 14.57
CA GLY A 264 18.61 -2.27 14.49
C GLY A 264 17.38 -3.14 14.63
N LEU A 265 16.19 -2.59 14.38
CA LEU A 265 14.88 -3.27 14.48
C LEU A 265 14.41 -3.70 13.09
N GLU A 266 13.81 -4.87 13.02
CA GLU A 266 13.13 -5.37 11.80
C GLU A 266 11.67 -4.92 11.86
N ILE A 267 11.11 -4.64 10.69
CA ILE A 267 9.66 -4.38 10.48
C ILE A 267 9.00 -5.74 10.28
N PRO A 268 8.16 -6.18 11.24
CA PRO A 268 7.54 -7.49 11.17
C PRO A 268 6.45 -7.60 10.09
N ALA A 269 6.30 -8.83 9.60
CA ALA A 269 5.28 -9.28 8.62
C ALA A 269 3.87 -9.08 9.20
N TRP A 270 2.92 -8.73 8.35
CA TRP A 270 1.48 -8.67 8.71
C TRP A 270 0.81 -9.99 8.36
N ASP A 271 0.21 -10.66 9.36
CA ASP A 271 -0.38 -12.02 9.27
C ASP A 271 -1.78 -11.94 8.65
N GLY A 272 -2.28 -10.73 8.39
CA GLY A 272 -3.69 -10.46 8.10
C GLY A 272 -4.36 -9.90 9.36
N PRO A 273 -5.66 -9.59 9.32
CA PRO A 273 -6.29 -8.80 10.38
C PRO A 273 -6.27 -9.54 11.72
N ARG A 274 -5.55 -9.00 12.69
CA ARG A 274 -5.55 -9.61 14.05
C ARG A 274 -5.82 -8.50 15.06
N VAL A 275 -6.47 -8.84 16.17
CA VAL A 275 -6.83 -7.87 17.25
C VAL A 275 -6.15 -8.31 18.53
N LEU A 276 -5.24 -7.48 19.06
CA LEU A 276 -4.64 -7.61 20.40
C LEU A 276 -5.27 -6.57 21.33
N GLU A 277 -5.85 -7.00 22.44
CA GLU A 277 -6.47 -6.04 23.41
C GLU A 277 -5.39 -5.39 24.26
N ARG A 278 -4.42 -6.18 24.75
CA ARG A 278 -3.46 -5.74 25.79
C ARG A 278 -2.03 -5.96 25.32
N ALA A 279 -1.18 -4.95 25.55
CA ALA A 279 0.27 -4.93 25.34
C ALA A 279 0.92 -6.02 26.21
N LEU A 280 2.05 -6.54 25.72
CA LEU A 280 2.91 -7.50 26.45
C LEU A 280 4.08 -6.75 27.08
N PRO A 281 4.77 -7.36 28.07
CA PRO A 281 6.08 -6.85 28.50
C PRO A 281 6.92 -6.69 27.23
N PRO A 282 7.85 -5.72 27.16
CA PRO A 282 8.61 -5.53 25.94
C PRO A 282 9.49 -6.73 25.55
N LEU A 283 9.69 -6.94 24.25
CA LEU A 283 10.62 -7.97 23.74
C LEU A 283 12.05 -7.45 23.89
N PRO A 284 13.08 -8.30 23.78
CA PRO A 284 14.46 -7.80 23.81
C PRO A 284 14.62 -6.71 22.72
N ARG A 285 15.55 -5.76 22.91
CA ARG A 285 15.92 -4.79 21.86
C ARG A 285 17.43 -4.59 21.85
N PRO A 286 18.00 -4.06 20.74
CA PRO A 286 19.43 -3.85 20.66
C PRO A 286 19.90 -2.91 21.78
N PRO A 287 21.17 -3.00 22.21
CA PRO A 287 21.73 -2.06 23.16
C PRO A 287 21.84 -0.68 22.49
N THR A 288 21.80 0.37 23.30
CA THR A 288 21.81 1.79 22.88
C THR A 288 23.22 2.22 22.48
N PRO A 289 23.35 2.99 21.38
CA PRO A 289 24.59 3.67 21.06
C PRO A 289 24.95 4.66 22.16
N LYS A 290 26.26 4.84 22.37
CA LYS A 290 26.84 6.03 23.04
C LYS A 290 26.45 7.26 22.22
N LEU A 291 25.82 8.26 22.83
CA LEU A 291 25.33 9.46 22.09
C LEU A 291 26.22 10.67 22.36
N GLU A 292 26.31 11.10 23.62
CA GLU A 292 27.04 12.34 24.02
C GLU A 292 28.55 12.05 24.03
N LYS B 9 -2.37 8.22 -26.38
CA LYS B 9 -2.40 7.64 -24.99
C LYS B 9 -3.74 6.92 -24.73
N GLY B 10 -4.44 6.52 -25.79
CA GLY B 10 -5.70 5.75 -25.76
C GLY B 10 -6.80 6.43 -24.96
N LYS B 11 -7.82 5.66 -24.55
CA LYS B 11 -8.98 6.16 -23.77
C LYS B 11 -8.64 6.22 -22.28
N CYS B 12 -8.65 7.43 -21.71
CA CYS B 12 -8.23 7.74 -20.31
C CYS B 12 -9.44 8.19 -19.49
N GLY B 13 -9.51 7.75 -18.23
CA GLY B 13 -10.48 8.23 -17.22
C GLY B 13 -11.88 7.67 -17.40
N LEU B 14 -12.05 6.56 -18.14
CA LEU B 14 -13.35 5.83 -18.25
C LEU B 14 -13.83 5.51 -16.84
N PRO B 15 -15.16 5.28 -16.64
CA PRO B 15 -15.70 5.10 -15.30
C PRO B 15 -15.30 3.72 -14.75
N GLU B 16 -15.26 3.60 -13.43
CA GLU B 16 -14.99 2.29 -12.78
C GLU B 16 -16.28 1.49 -12.67
N ILE B 17 -16.14 0.18 -12.81
CA ILE B 17 -17.22 -0.80 -12.56
C ILE B 17 -16.84 -1.51 -11.25
N PHE B 18 -17.76 -1.52 -10.30
CA PHE B 18 -17.68 -2.41 -9.11
C PHE B 18 -18.77 -3.47 -9.21
N ASP B 19 -18.38 -4.74 -9.51
CA ASP B 19 -19.27 -5.92 -9.36
C ASP B 19 -19.80 -5.85 -7.93
N PRO B 20 -21.10 -6.12 -7.67
CA PRO B 20 -21.60 -6.25 -6.30
C PRO B 20 -21.05 -7.49 -5.60
N PRO B 21 -21.00 -7.49 -4.25
CA PRO B 21 -20.26 -8.50 -3.48
C PRO B 21 -20.55 -9.96 -3.87
N GLU B 22 -21.83 -10.25 -4.13
CA GLU B 22 -22.35 -11.61 -4.36
C GLU B 22 -21.87 -12.07 -5.74
N GLU B 23 -21.84 -11.13 -6.71
CA GLU B 23 -21.37 -11.39 -8.10
C GLU B 23 -19.83 -11.52 -8.10
N LEU B 24 -19.17 -10.70 -7.27
CA LEU B 24 -17.69 -10.74 -7.13
C LEU B 24 -17.29 -12.10 -6.56
N GLU B 25 -17.97 -12.53 -5.51
CA GLU B 25 -17.67 -13.82 -4.85
C GLU B 25 -17.82 -14.96 -5.85
N ARG B 26 -18.87 -14.96 -6.66
CA ARG B 26 -19.13 -16.06 -7.62
C ARG B 26 -18.04 -16.07 -8.69
N LYS B 27 -17.66 -14.89 -9.19
CA LYS B 27 -16.68 -14.79 -10.31
C LYS B 27 -15.28 -15.26 -9.86
N VAL B 28 -14.94 -15.06 -8.58
CA VAL B 28 -13.59 -15.42 -8.08
C VAL B 28 -13.55 -16.94 -7.80
N TRP B 29 -14.69 -17.54 -7.42
CA TRP B 29 -14.83 -19.01 -7.34
C TRP B 29 -14.69 -19.62 -8.75
N GLU B 30 -15.28 -18.98 -9.74
CA GLU B 30 -15.20 -19.40 -11.17
C GLU B 30 -13.75 -19.25 -11.66
N LEU B 31 -13.04 -18.21 -11.21
CA LEU B 31 -11.60 -18.00 -11.53
C LEU B 31 -10.80 -19.16 -10.90
N ALA B 32 -11.11 -19.47 -9.64
CA ALA B 32 -10.52 -20.59 -8.88
C ALA B 32 -10.65 -21.87 -9.71
N ARG B 33 -11.89 -22.20 -10.08
CA ARG B 33 -12.24 -23.37 -10.90
C ARG B 33 -11.39 -23.38 -12.18
N LEU B 34 -11.17 -22.21 -12.77
CA LEU B 34 -10.43 -22.08 -14.07
C LEU B 34 -8.95 -22.36 -13.87
N VAL B 35 -8.37 -21.87 -12.78
CA VAL B 35 -6.94 -22.14 -12.43
C VAL B 35 -6.80 -23.65 -12.25
N TRP B 36 -7.67 -24.25 -11.45
CA TRP B 36 -7.66 -25.71 -11.15
C TRP B 36 -7.72 -26.53 -12.45
N GLN B 37 -8.52 -26.11 -13.43
CA GLN B 37 -8.69 -26.86 -14.71
C GLN B 37 -7.48 -26.67 -15.62
N SER B 38 -6.73 -25.58 -15.45
CA SER B 38 -5.71 -25.09 -16.42
C SER B 38 -4.36 -25.77 -16.19
N SER B 39 -3.76 -26.28 -17.29
CA SER B 39 -2.38 -26.83 -17.36
C SER B 39 -1.33 -25.72 -17.28
N SER B 40 -1.61 -24.59 -17.96
CA SER B 40 -0.62 -23.51 -18.20
C SER B 40 -1.30 -22.15 -18.09
N VAL B 41 -1.12 -21.50 -16.95
CA VAL B 41 -1.75 -20.20 -16.58
C VAL B 41 -0.67 -19.12 -16.70
N VAL B 42 -0.90 -18.15 -17.57
CA VAL B 42 0.02 -17.00 -17.76
C VAL B 42 -0.72 -15.77 -17.19
N PHE B 43 -0.01 -14.93 -16.44
CA PHE B 43 -0.60 -13.69 -15.88
C PHE B 43 0.01 -12.49 -16.60
N HIS B 44 -0.85 -11.53 -16.93
CA HIS B 44 -0.48 -10.26 -17.58
C HIS B 44 -0.74 -9.13 -16.59
N THR B 45 0.30 -8.40 -16.17
CA THR B 45 0.10 -7.27 -15.22
C THR B 45 0.37 -5.92 -15.88
N GLY B 46 -0.41 -4.95 -15.43
CA GLY B 46 -0.24 -3.51 -15.71
C GLY B 46 -0.43 -2.74 -14.41
N ALA B 47 -0.44 -1.41 -14.51
CA ALA B 47 -0.12 -0.44 -13.43
C ALA B 47 -1.15 -0.49 -12.31
N GLY B 48 -2.33 -1.06 -12.56
CA GLY B 48 -3.42 -1.28 -11.58
C GLY B 48 -3.01 -2.19 -10.43
N ILE B 49 -2.05 -3.09 -10.63
CA ILE B 49 -1.62 -3.98 -9.50
C ILE B 49 -0.64 -3.25 -8.57
N SER B 50 -0.19 -2.04 -8.89
CA SER B 50 0.76 -1.25 -8.06
C SER B 50 0.08 -0.02 -7.44
N THR B 51 -1.19 0.26 -7.76
CA THR B 51 -1.90 1.46 -7.23
C THR B 51 -2.10 1.36 -5.70
N ALA B 52 -2.34 0.17 -5.16
CA ALA B 52 -2.48 -0.08 -3.70
C ALA B 52 -1.14 0.06 -2.96
N SER B 53 -0.01 0.22 -3.68
CA SER B 53 1.34 0.53 -3.16
C SER B 53 1.64 2.02 -3.16
N GLY B 54 0.75 2.86 -3.70
CA GLY B 54 0.95 4.32 -3.75
C GLY B 54 1.46 4.79 -5.10
N ILE B 55 1.62 3.87 -6.07
CA ILE B 55 2.07 4.23 -7.45
C ILE B 55 0.82 4.44 -8.31
N PRO B 56 0.56 5.64 -8.86
CA PRO B 56 -0.64 5.84 -9.65
C PRO B 56 -0.45 5.09 -10.98
N ASP B 57 -1.55 4.67 -11.60
CA ASP B 57 -1.60 4.08 -12.97
C ASP B 57 -1.60 5.20 -14.01
N PHE B 58 -1.91 4.89 -15.27
CA PHE B 58 -1.82 5.84 -16.41
C PHE B 58 -3.22 6.38 -16.74
N ARG B 59 -4.23 5.51 -16.80
CA ARG B 59 -5.54 5.80 -17.45
C ARG B 59 -6.71 5.67 -16.46
N GLY B 60 -6.44 5.34 -15.20
CA GLY B 60 -7.46 5.31 -14.12
C GLY B 60 -7.93 6.73 -13.78
N PRO B 61 -8.96 6.89 -12.91
CA PRO B 61 -9.50 8.22 -12.61
C PRO B 61 -8.42 9.24 -12.24
N HIS B 62 -7.38 8.83 -11.49
CA HIS B 62 -6.25 9.71 -11.09
C HIS B 62 -4.94 9.23 -11.74
N GLY B 63 -5.03 8.52 -12.87
CA GLY B 63 -3.86 8.08 -13.64
C GLY B 63 -3.05 9.26 -14.18
N VAL B 64 -1.78 9.01 -14.50
CA VAL B 64 -0.79 10.02 -15.01
C VAL B 64 -1.38 10.75 -16.23
N TRP B 65 -1.81 10.02 -17.26
CA TRP B 65 -2.38 10.57 -18.53
C TRP B 65 -3.73 11.24 -18.25
N THR B 66 -4.58 10.63 -17.43
CA THR B 66 -5.91 11.15 -17.03
C THR B 66 -5.76 12.53 -16.37
N MET B 67 -4.80 12.67 -15.45
CA MET B 67 -4.59 13.94 -14.70
C MET B 67 -3.97 14.99 -15.63
N GLU B 68 -3.03 14.59 -16.51
CA GLU B 68 -2.35 15.50 -17.47
C GLU B 68 -3.38 16.12 -18.45
N GLU B 69 -4.34 15.32 -18.95
CA GLU B 69 -5.43 15.76 -19.86
C GLU B 69 -6.32 16.83 -19.20
N ARG B 70 -6.43 16.85 -17.87
CA ARG B 70 -7.18 17.88 -17.10
C ARG B 70 -6.20 18.83 -16.39
N GLY B 71 -4.94 18.87 -16.82
CA GLY B 71 -3.93 19.82 -16.31
C GLY B 71 -3.65 19.63 -14.84
N LEU B 72 -3.84 18.41 -14.32
CA LEU B 72 -3.44 18.06 -12.92
C LEU B 72 -2.22 17.15 -12.99
N ALA B 73 -1.56 16.92 -11.86
CA ALA B 73 -0.40 16.02 -11.75
C ALA B 73 -0.85 14.70 -11.12
N PRO B 74 -0.17 13.58 -11.44
CA PRO B 74 -0.38 12.33 -10.70
C PRO B 74 0.26 12.48 -9.31
N LYS B 75 -0.25 11.75 -8.34
CA LYS B 75 0.25 11.85 -6.96
C LYS B 75 0.84 10.48 -6.60
N PHE B 76 2.10 10.48 -6.17
CA PHE B 76 2.81 9.30 -5.64
C PHE B 76 2.68 9.35 -4.13
N ASP B 77 2.26 8.25 -3.51
CA ASP B 77 2.20 8.10 -2.03
C ASP B 77 3.47 7.41 -1.54
N THR B 78 4.43 7.17 -2.45
CA THR B 78 5.68 6.44 -2.19
C THR B 78 6.70 6.83 -3.25
N THR B 79 7.97 6.55 -3.00
CA THR B 79 9.02 6.53 -4.05
C THR B 79 9.06 5.14 -4.65
N PHE B 80 9.67 5.00 -5.83
CA PHE B 80 9.86 3.67 -6.44
C PHE B 80 10.64 2.78 -5.45
N GLU B 81 11.63 3.38 -4.77
CA GLU B 81 12.57 2.65 -3.88
C GLU B 81 11.86 2.16 -2.61
N SER B 82 10.91 2.93 -2.08
CA SER B 82 10.20 2.63 -0.80
C SER B 82 8.88 1.90 -1.07
N ALA B 83 8.50 1.69 -2.33
CA ALA B 83 7.23 1.01 -2.64
C ALA B 83 7.32 -0.46 -2.19
N ARG B 84 6.32 -0.94 -1.45
CA ARG B 84 6.24 -2.37 -1.09
C ARG B 84 5.38 -3.06 -2.16
N PRO B 85 5.79 -4.26 -2.60
CA PRO B 85 4.94 -5.13 -3.39
C PRO B 85 3.60 -5.30 -2.68
N THR B 86 2.53 -5.37 -3.47
CA THR B 86 1.15 -5.51 -3.01
C THR B 86 0.90 -6.99 -2.74
N GLN B 87 -0.20 -7.24 -2.05
CA GLN B 87 -0.80 -8.58 -1.82
C GLN B 87 -0.88 -9.30 -3.17
N THR B 88 -1.27 -8.62 -4.24
CA THR B 88 -1.31 -9.19 -5.61
C THR B 88 0.09 -9.62 -6.02
N HIS B 89 1.09 -8.76 -5.85
CA HIS B 89 2.51 -9.05 -6.17
C HIS B 89 2.98 -10.34 -5.51
N MET B 90 2.67 -10.49 -4.22
CA MET B 90 3.08 -11.62 -3.37
C MET B 90 2.20 -12.84 -3.67
N ALA B 91 0.91 -12.67 -3.99
CA ALA B 91 0.07 -13.79 -4.46
C ALA B 91 0.74 -14.42 -5.69
N LEU B 92 1.24 -13.60 -6.63
CA LEU B 92 1.81 -14.08 -7.92
C LEU B 92 3.09 -14.87 -7.64
N VAL B 93 3.88 -14.43 -6.64
CA VAL B 93 5.12 -15.09 -6.16
C VAL B 93 4.76 -16.51 -5.74
N GLN B 94 3.77 -16.63 -4.86
CA GLN B 94 3.33 -17.92 -4.30
C GLN B 94 2.74 -18.85 -5.37
N LEU B 95 2.01 -18.32 -6.35
CA LEU B 95 1.35 -19.14 -7.40
C LEU B 95 2.46 -19.76 -8.26
N GLU B 96 3.48 -18.97 -8.56
CA GLU B 96 4.65 -19.46 -9.35
C GLU B 96 5.38 -20.53 -8.52
N ARG B 97 5.50 -20.35 -7.20
CA ARG B 97 6.33 -21.28 -6.37
C ARG B 97 5.63 -22.63 -6.26
N VAL B 98 4.29 -22.66 -6.24
CA VAL B 98 3.50 -23.91 -6.08
C VAL B 98 3.19 -24.49 -7.48
N GLY B 99 3.69 -23.88 -8.55
CA GLY B 99 3.59 -24.42 -9.93
C GLY B 99 2.28 -24.08 -10.62
N LEU B 100 1.48 -23.12 -10.11
CA LEU B 100 0.17 -22.76 -10.70
C LEU B 100 0.27 -21.58 -11.67
N LEU B 101 1.43 -20.93 -11.75
CA LEU B 101 1.72 -19.84 -12.70
C LEU B 101 2.90 -20.27 -13.58
N ARG B 102 2.69 -20.39 -14.89
CA ARG B 102 3.73 -20.79 -15.87
C ARG B 102 4.58 -19.58 -16.24
N PHE B 103 3.94 -18.43 -16.50
CA PHE B 103 4.68 -17.21 -16.94
C PHE B 103 3.93 -15.94 -16.52
N LEU B 104 4.71 -14.91 -16.26
CA LEU B 104 4.22 -13.58 -15.84
C LEU B 104 4.66 -12.60 -16.92
N VAL B 105 3.71 -11.93 -17.56
CA VAL B 105 4.00 -10.86 -18.54
C VAL B 105 3.56 -9.52 -17.96
N SER B 106 4.51 -8.61 -17.73
CA SER B 106 4.23 -7.28 -17.12
C SER B 106 4.66 -6.13 -18.03
N GLN B 107 3.81 -5.11 -18.06
CA GLN B 107 4.02 -3.81 -18.73
C GLN B 107 4.65 -2.82 -17.73
N ASN B 108 4.75 -3.21 -16.46
CA ASN B 108 5.19 -2.28 -15.39
C ASN B 108 6.71 -2.13 -15.38
N VAL B 109 7.13 -0.88 -15.20
CA VAL B 109 8.53 -0.43 -15.08
C VAL B 109 8.85 -0.14 -13.61
N ASP B 110 7.90 -0.35 -12.70
CA ASP B 110 8.03 0.01 -11.26
C ASP B 110 9.03 -0.93 -10.55
N GLY B 111 9.42 -2.03 -11.20
CA GLY B 111 10.43 -2.97 -10.70
C GLY B 111 9.97 -3.86 -9.56
N LEU B 112 8.67 -3.90 -9.20
CA LEU B 112 8.17 -4.57 -7.96
C LEU B 112 8.09 -6.08 -8.13
N HIS B 113 7.75 -6.58 -9.31
CA HIS B 113 7.78 -8.04 -9.56
C HIS B 113 9.15 -8.57 -9.14
N VAL B 114 10.23 -7.97 -9.63
CA VAL B 114 11.62 -8.43 -9.40
C VAL B 114 11.91 -8.29 -7.91
N ARG B 115 11.61 -7.13 -7.31
CA ARG B 115 11.90 -6.90 -5.87
C ARG B 115 11.04 -7.79 -4.99
N SER B 116 9.85 -8.20 -5.45
CA SER B 116 8.96 -9.16 -4.75
C SER B 116 9.64 -10.51 -4.50
N GLY B 117 10.65 -10.88 -5.31
CA GLY B 117 11.31 -12.20 -5.26
C GLY B 117 10.87 -13.10 -6.40
N PHE B 118 10.14 -12.55 -7.37
CA PHE B 118 9.56 -13.32 -8.47
C PHE B 118 10.72 -13.75 -9.39
N PRO B 119 10.83 -15.04 -9.78
CA PRO B 119 11.89 -15.46 -10.71
C PRO B 119 11.87 -14.73 -12.05
N ARG B 120 12.98 -14.09 -12.38
CA ARG B 120 13.17 -13.33 -13.65
C ARG B 120 13.00 -14.25 -14.88
N ASP B 121 13.33 -15.54 -14.78
CA ASP B 121 13.29 -16.45 -15.97
C ASP B 121 11.84 -16.88 -16.20
N LYS B 122 10.88 -16.38 -15.42
CA LYS B 122 9.44 -16.59 -15.71
C LYS B 122 8.71 -15.25 -15.87
N LEU B 123 9.46 -14.15 -15.95
CA LEU B 123 8.91 -12.78 -16.09
C LEU B 123 9.41 -12.15 -17.39
N ALA B 124 8.50 -11.59 -18.17
CA ALA B 124 8.80 -10.66 -19.28
C ALA B 124 8.42 -9.26 -18.81
N GLU B 125 9.41 -8.38 -18.68
CA GLU B 125 9.22 -6.94 -18.36
C GLU B 125 9.20 -6.18 -19.69
N LEU B 126 8.01 -6.07 -20.32
CA LEU B 126 7.87 -5.67 -21.74
C LEU B 126 8.30 -4.22 -21.96
N HIS B 127 8.16 -3.35 -20.95
CA HIS B 127 8.45 -1.90 -21.08
C HIS B 127 9.70 -1.54 -20.29
N GLY B 128 10.38 -2.55 -19.73
CA GLY B 128 11.65 -2.39 -18.97
C GLY B 128 11.40 -2.24 -17.49
N ASN B 129 12.45 -1.85 -16.76
CA ASN B 129 12.49 -1.87 -15.28
C ASN B 129 13.36 -0.69 -14.82
N MET B 130 12.76 0.27 -14.09
CA MET B 130 13.40 1.49 -13.51
C MET B 130 14.76 1.15 -12.91
N PHE B 131 14.89 -0.03 -12.29
CA PHE B 131 16.07 -0.43 -11.47
C PHE B 131 17.08 -1.22 -12.30
N VAL B 132 16.77 -1.51 -13.56
CA VAL B 132 17.62 -2.42 -14.37
C VAL B 132 18.34 -1.58 -15.42
N GLU B 133 19.67 -1.65 -15.40
CA GLU B 133 20.53 -1.16 -16.52
C GLU B 133 21.17 -2.36 -17.22
N GLU B 134 21.46 -2.18 -18.50
CA GLU B 134 21.91 -3.24 -19.44
C GLU B 134 23.14 -2.73 -20.20
N CYS B 135 24.18 -3.58 -20.27
CA CYS B 135 25.40 -3.29 -21.04
C CYS B 135 25.06 -3.35 -22.53
N ALA B 136 25.25 -2.25 -23.26
CA ALA B 136 25.05 -2.23 -24.72
C ALA B 136 25.96 -3.27 -25.38
N LYS B 137 27.18 -3.45 -24.85
CA LYS B 137 28.18 -4.36 -25.43
C LYS B 137 27.76 -5.83 -25.18
N CYS B 138 27.68 -6.25 -23.91
CA CYS B 138 27.54 -7.71 -23.61
C CYS B 138 26.11 -8.05 -23.19
N LYS B 139 25.22 -7.06 -23.07
CA LYS B 139 23.77 -7.26 -22.77
C LYS B 139 23.59 -7.73 -21.32
N THR B 140 24.65 -7.73 -20.51
CA THR B 140 24.57 -8.10 -19.07
C THR B 140 23.71 -7.06 -18.36
N GLN B 141 22.63 -7.52 -17.69
CA GLN B 141 21.70 -6.64 -16.93
C GLN B 141 22.22 -6.49 -15.50
N TYR B 142 21.95 -5.35 -14.88
CA TYR B 142 22.26 -5.10 -13.46
C TYR B 142 20.96 -4.67 -12.77
N VAL B 143 20.55 -5.40 -11.74
CA VAL B 143 19.36 -5.02 -10.94
C VAL B 143 19.88 -4.22 -9.75
N ARG B 144 19.63 -2.92 -9.77
CA ARG B 144 20.14 -1.92 -8.79
C ARG B 144 19.13 -1.76 -7.66
N ASP B 145 19.60 -1.27 -6.51
CA ASP B 145 18.82 -1.04 -5.26
C ASP B 145 18.08 0.28 -5.32
N THR B 146 18.52 1.22 -6.17
CA THR B 146 17.86 2.52 -6.44
C THR B 146 17.48 2.57 -7.93
N VAL B 147 16.57 3.47 -8.32
CA VAL B 147 16.11 3.61 -9.74
C VAL B 147 17.26 4.15 -10.56
N VAL B 148 17.50 3.55 -11.72
CA VAL B 148 18.46 4.03 -12.74
C VAL B 148 17.92 5.37 -13.25
N GLY B 149 18.72 6.44 -13.17
CA GLY B 149 18.22 7.83 -13.17
C GLY B 149 17.94 8.38 -14.56
N THR B 150 18.00 7.57 -15.62
CA THR B 150 17.65 7.99 -17.01
C THR B 150 16.44 7.18 -17.50
N MET B 151 15.88 7.57 -18.65
CA MET B 151 14.79 6.86 -19.35
C MET B 151 15.05 6.95 -20.86
N GLY B 152 14.54 5.97 -21.63
CA GLY B 152 14.62 5.97 -23.10
C GLY B 152 15.94 5.41 -23.61
N LEU B 153 16.47 4.39 -22.91
CA LEU B 153 17.63 3.55 -23.34
C LEU B 153 18.91 4.40 -23.49
N LYS B 154 19.09 5.40 -22.61
CA LYS B 154 20.25 6.34 -22.60
C LYS B 154 21.36 5.82 -21.66
N ALA B 155 22.58 6.31 -21.86
CA ALA B 155 23.76 6.02 -21.00
C ALA B 155 23.46 6.54 -19.60
N THR B 156 23.71 5.71 -18.57
CA THR B 156 23.39 6.00 -17.14
C THR B 156 24.56 6.73 -16.49
N GLY B 157 25.77 6.56 -17.04
CA GLY B 157 27.03 7.08 -16.46
C GLY B 157 27.95 5.97 -16.01
N ARG B 158 27.39 4.84 -15.53
CA ARG B 158 28.16 3.67 -15.03
C ARG B 158 28.58 2.80 -16.22
N LEU B 159 29.59 1.94 -16.02
CA LEU B 159 30.15 0.99 -17.02
C LEU B 159 29.97 -0.45 -16.53
N CYS B 160 30.08 -1.41 -17.46
CA CYS B 160 30.00 -2.87 -17.21
C CYS B 160 31.21 -3.31 -16.37
N THR B 161 31.02 -4.28 -15.47
CA THR B 161 32.06 -4.80 -14.54
C THR B 161 32.35 -6.28 -14.83
N VAL B 162 31.81 -6.84 -15.92
CA VAL B 162 31.98 -8.27 -16.30
C VAL B 162 33.44 -8.51 -16.67
N ALA B 163 34.05 -9.57 -16.11
CA ALA B 163 35.50 -9.90 -16.18
C ALA B 163 36.00 -9.81 -17.62
N CYS B 171 35.23 -5.60 -19.99
CA CYS B 171 34.17 -5.10 -20.91
C CYS B 171 34.10 -3.58 -20.86
N ARG B 172 33.96 -3.02 -19.64
CA ARG B 172 33.81 -1.56 -19.40
C ARG B 172 32.77 -0.97 -20.38
N GLY B 173 31.82 -1.79 -20.82
CA GLY B 173 30.77 -1.38 -21.78
C GLY B 173 29.86 -0.31 -21.19
N GLU B 174 29.34 0.57 -22.04
CA GLU B 174 28.37 1.63 -21.69
C GLU B 174 27.10 0.98 -21.10
N LEU B 175 26.77 1.27 -19.85
CA LEU B 175 25.50 0.84 -19.20
C LEU B 175 24.39 1.81 -19.59
N ARG B 176 23.23 1.27 -19.98
CA ARG B 176 22.03 2.03 -20.39
C ARG B 176 20.81 1.54 -19.60
N ASP B 177 19.81 2.42 -19.44
CA ASP B 177 18.49 2.09 -18.84
C ASP B 177 17.74 1.19 -19.82
N THR B 178 16.69 0.53 -19.31
CA THR B 178 15.85 -0.44 -20.07
C THR B 178 14.44 0.13 -20.28
N ILE B 179 14.24 1.40 -19.94
CA ILE B 179 12.91 2.07 -20.04
C ILE B 179 12.67 2.49 -21.50
N LEU B 180 11.79 1.76 -22.19
CA LEU B 180 11.34 2.07 -23.58
C LEU B 180 10.74 3.49 -23.63
N ASP B 181 11.14 4.28 -24.63
CA ASP B 181 10.43 5.51 -25.05
C ASP B 181 9.32 5.09 -26.02
N TRP B 182 8.40 6.00 -26.35
CA TRP B 182 7.23 5.75 -27.24
C TRP B 182 7.69 5.05 -28.53
N GLU B 183 8.80 5.48 -29.12
CA GLU B 183 9.29 5.05 -30.46
C GLU B 183 10.00 3.69 -30.39
N ASP B 184 10.44 3.27 -29.21
CA ASP B 184 11.34 2.09 -29.03
C ASP B 184 10.54 0.80 -29.13
N SER B 185 11.07 -0.17 -29.88
CA SER B 185 10.60 -1.58 -29.94
C SER B 185 10.70 -2.23 -28.56
N LEU B 186 9.79 -3.17 -28.28
CA LEU B 186 9.83 -4.08 -27.10
C LEU B 186 11.09 -4.96 -27.19
N PRO B 187 11.75 -5.26 -26.06
CA PRO B 187 12.88 -6.20 -26.07
C PRO B 187 12.46 -7.53 -26.68
N ASP B 188 13.24 -8.01 -27.66
CA ASP B 188 12.95 -9.22 -28.47
C ASP B 188 12.89 -10.47 -27.58
N ARG B 189 13.83 -10.63 -26.65
CA ARG B 189 13.91 -11.82 -25.76
C ARG B 189 12.59 -11.91 -24.97
N ASP B 190 12.28 -10.85 -24.22
CA ASP B 190 11.07 -10.75 -23.35
C ASP B 190 9.79 -10.93 -24.17
N LEU B 191 9.69 -10.25 -25.32
CA LEU B 191 8.45 -10.26 -26.14
C LEU B 191 8.25 -11.67 -26.74
N ALA B 192 9.32 -12.30 -27.23
CA ALA B 192 9.27 -13.66 -27.82
C ALA B 192 8.78 -14.63 -26.74
N LEU B 193 9.36 -14.56 -25.54
CA LEU B 193 9.02 -15.48 -24.42
C LEU B 193 7.58 -15.21 -23.97
N ALA B 194 7.21 -13.93 -23.81
CA ALA B 194 5.84 -13.48 -23.51
C ALA B 194 4.88 -14.08 -24.54
N ASP B 195 5.23 -13.95 -25.82
CA ASP B 195 4.40 -14.39 -26.98
C ASP B 195 4.23 -15.91 -26.95
N GLU B 196 5.34 -16.63 -26.77
CA GLU B 196 5.37 -18.13 -26.69
C GLU B 196 4.51 -18.58 -25.49
N ALA B 197 4.75 -18.02 -24.32
CA ALA B 197 3.99 -18.36 -23.09
C ALA B 197 2.49 -18.17 -23.36
N SER B 198 2.12 -17.08 -24.04
CA SER B 198 0.71 -16.66 -24.28
C SER B 198 0.02 -17.59 -25.28
N ARG B 199 0.71 -17.97 -26.37
CA ARG B 199 0.17 -18.88 -27.40
C ARG B 199 -0.07 -20.26 -26.76
N ASN B 200 0.80 -20.68 -25.85
CA ASN B 200 0.79 -22.05 -25.23
C ASN B 200 -0.10 -22.09 -23.99
N ALA B 201 -0.53 -20.95 -23.46
CA ALA B 201 -1.38 -20.89 -22.25
C ALA B 201 -2.76 -21.45 -22.60
N ASP B 202 -3.40 -22.18 -21.68
CA ASP B 202 -4.84 -22.51 -21.73
C ASP B 202 -5.62 -21.56 -20.82
N LEU B 203 -4.91 -20.71 -20.07
CA LEU B 203 -5.56 -19.65 -19.26
C LEU B 203 -4.65 -18.43 -19.17
N SER B 204 -5.15 -17.30 -19.63
CA SER B 204 -4.46 -16.00 -19.44
C SER B 204 -5.32 -15.16 -18.51
N ILE B 205 -4.77 -14.68 -17.40
CA ILE B 205 -5.50 -13.76 -16.49
C ILE B 205 -4.81 -12.41 -16.57
N THR B 206 -5.54 -11.36 -16.92
CA THR B 206 -5.00 -9.97 -16.93
C THR B 206 -5.38 -9.33 -15.59
N LEU B 207 -4.47 -8.57 -15.00
CA LEU B 207 -4.67 -7.95 -13.67
C LEU B 207 -4.29 -6.48 -13.80
N GLY B 208 -5.25 -5.56 -13.64
CA GLY B 208 -4.96 -4.11 -13.50
C GLY B 208 -4.25 -3.55 -14.73
N THR B 209 -4.65 -4.00 -15.93
CA THR B 209 -4.24 -3.43 -17.25
C THR B 209 -5.48 -3.12 -18.10
N SER B 210 -5.45 -1.99 -18.80
CA SER B 210 -6.55 -1.58 -19.71
C SER B 210 -6.33 -2.18 -21.12
N LEU B 211 -5.21 -2.86 -21.37
CA LEU B 211 -4.93 -3.68 -22.59
C LEU B 211 -5.02 -2.85 -23.87
N GLN B 212 -4.58 -1.59 -23.82
CA GLN B 212 -4.73 -0.59 -24.93
C GLN B 212 -3.45 -0.47 -25.76
N ILE B 213 -2.34 -1.05 -25.28
CA ILE B 213 -0.99 -0.86 -25.90
C ILE B 213 -0.64 -2.14 -26.66
N ARG B 214 -0.38 -2.04 -27.97
CA ARG B 214 0.10 -3.14 -28.84
C ARG B 214 1.62 -3.22 -28.69
N PRO B 215 2.23 -4.42 -28.69
CA PRO B 215 1.50 -5.70 -28.69
C PRO B 215 1.19 -6.26 -27.30
N SER B 216 1.55 -5.54 -26.24
CA SER B 216 1.44 -6.03 -24.83
C SER B 216 -0.01 -6.47 -24.58
N GLY B 217 -0.93 -5.54 -24.80
CA GLY B 217 -2.38 -5.67 -24.56
C GLY B 217 -3.05 -6.70 -25.43
N ASN B 218 -2.45 -7.15 -26.54
CA ASN B 218 -3.03 -8.19 -27.45
C ASN B 218 -2.56 -9.61 -27.07
N LEU B 219 -1.48 -9.75 -26.30
CA LEU B 219 -0.88 -11.08 -25.94
C LEU B 219 -1.91 -11.98 -25.27
N PRO B 220 -2.72 -11.48 -24.31
CA PRO B 220 -3.79 -12.29 -23.73
C PRO B 220 -4.76 -12.88 -24.77
N LEU B 221 -4.95 -12.22 -25.92
CA LEU B 221 -5.88 -12.71 -26.98
C LEU B 221 -5.30 -13.95 -27.67
N ALA B 222 -3.97 -14.02 -27.80
CA ALA B 222 -3.23 -15.16 -28.40
C ALA B 222 -3.60 -16.46 -27.70
N THR B 223 -3.99 -16.38 -26.42
CA THR B 223 -4.44 -17.54 -25.59
C THR B 223 -5.74 -18.11 -26.17
N LYS B 224 -6.67 -17.25 -26.59
CA LYS B 224 -8.01 -17.66 -27.10
C LYS B 224 -7.85 -18.61 -28.31
N ARG B 225 -6.81 -18.43 -29.12
CA ARG B 225 -6.46 -19.37 -30.24
C ARG B 225 -6.04 -20.71 -29.63
N ARG B 226 -6.63 -21.81 -30.11
CA ARG B 226 -6.45 -23.20 -29.58
C ARG B 226 -7.30 -23.36 -28.31
N GLY B 227 -8.31 -22.49 -28.13
CA GLY B 227 -9.41 -22.70 -27.17
C GLY B 227 -9.02 -22.36 -25.75
N GLY B 228 -8.02 -21.51 -25.56
CA GLY B 228 -7.60 -20.99 -24.24
C GLY B 228 -8.64 -20.07 -23.65
N ARG B 229 -8.70 -19.99 -22.32
CA ARG B 229 -9.59 -19.06 -21.59
C ARG B 229 -8.82 -17.77 -21.31
N LEU B 230 -9.52 -16.64 -21.36
CA LEU B 230 -9.00 -15.30 -21.02
C LEU B 230 -9.84 -14.79 -19.84
N VAL B 231 -9.22 -14.40 -18.73
CA VAL B 231 -9.92 -13.71 -17.61
C VAL B 231 -9.30 -12.31 -17.47
N ILE B 232 -10.15 -11.29 -17.33
CA ILE B 232 -9.76 -9.86 -17.22
C ILE B 232 -10.26 -9.38 -15.86
N VAL B 233 -9.34 -8.90 -15.03
CA VAL B 233 -9.64 -8.34 -13.68
C VAL B 233 -9.24 -6.87 -13.76
N ASN B 234 -10.18 -5.97 -13.69
CA ASN B 234 -9.92 -4.53 -13.93
C ASN B 234 -11.12 -3.72 -13.46
N LEU B 235 -10.86 -2.53 -12.94
CA LEU B 235 -11.92 -1.65 -12.38
C LEU B 235 -12.63 -0.95 -13.53
N GLN B 236 -11.91 -0.65 -14.61
CA GLN B 236 -12.43 0.02 -15.82
C GLN B 236 -12.54 -1.00 -16.94
N PRO B 237 -13.36 -0.71 -17.97
CA PRO B 237 -13.32 -1.43 -19.24
C PRO B 237 -11.91 -1.51 -19.82
N THR B 238 -11.69 -2.47 -20.72
CA THR B 238 -10.40 -2.76 -21.38
C THR B 238 -10.68 -2.95 -22.87
N LYS B 239 -9.69 -2.75 -23.73
CA LYS B 239 -9.85 -2.88 -25.20
C LYS B 239 -10.55 -4.21 -25.53
N HIS B 240 -10.24 -5.30 -24.82
CA HIS B 240 -10.59 -6.69 -25.23
C HIS B 240 -11.63 -7.33 -24.30
N ASP B 241 -12.44 -6.54 -23.59
CA ASP B 241 -13.49 -7.03 -22.65
C ASP B 241 -14.37 -8.07 -23.36
N ARG B 242 -14.66 -7.82 -24.64
CA ARG B 242 -15.52 -8.63 -25.54
C ARG B 242 -15.00 -10.07 -25.62
N HIS B 243 -13.68 -10.28 -25.59
CA HIS B 243 -13.05 -11.60 -25.85
C HIS B 243 -12.83 -12.39 -24.54
N ALA B 244 -13.19 -11.82 -23.38
CA ALA B 244 -12.99 -12.44 -22.04
C ALA B 244 -14.09 -13.46 -21.77
N ASP B 245 -13.74 -14.64 -21.25
CA ASP B 245 -14.71 -15.63 -20.70
C ASP B 245 -15.20 -15.14 -19.33
N LEU B 246 -14.42 -14.32 -18.64
CA LEU B 246 -14.73 -13.81 -17.27
C LEU B 246 -14.12 -12.42 -17.12
N ARG B 247 -14.92 -11.42 -16.77
CA ARG B 247 -14.41 -10.08 -16.38
C ARG B 247 -14.77 -9.89 -14.91
N ILE B 248 -13.78 -9.53 -14.10
CA ILE B 248 -13.99 -9.30 -12.65
C ILE B 248 -13.67 -7.84 -12.39
N HIS B 249 -14.71 -7.07 -12.06
CA HIS B 249 -14.61 -5.64 -11.74
C HIS B 249 -14.51 -5.55 -10.22
N GLY B 250 -13.27 -5.45 -9.74
CA GLY B 250 -12.92 -5.25 -8.32
C GLY B 250 -11.46 -4.84 -8.15
N TYR B 251 -11.11 -4.41 -6.94
CA TYR B 251 -9.71 -4.32 -6.48
C TYR B 251 -9.02 -5.66 -6.67
N VAL B 252 -7.87 -5.62 -7.34
CA VAL B 252 -7.13 -6.87 -7.72
C VAL B 252 -6.63 -7.56 -6.43
N ASP B 253 -6.26 -6.78 -5.42
CA ASP B 253 -5.87 -7.32 -4.10
C ASP B 253 -7.02 -8.12 -3.48
N GLU B 254 -8.26 -7.65 -3.58
CA GLU B 254 -9.42 -8.37 -3.01
C GLU B 254 -9.61 -9.66 -3.81
N VAL B 255 -9.62 -9.55 -5.13
CA VAL B 255 -9.79 -10.70 -6.05
C VAL B 255 -8.71 -11.73 -5.70
N MET B 256 -7.46 -11.29 -5.63
CA MET B 256 -6.33 -12.23 -5.46
C MET B 256 -6.34 -12.80 -4.04
N THR B 257 -6.64 -12.00 -3.03
CA THR B 257 -6.73 -12.52 -1.63
C THR B 257 -7.85 -13.57 -1.55
N ARG B 258 -9.00 -13.31 -2.16
CA ARG B 258 -10.14 -14.28 -2.16
C ARG B 258 -9.72 -15.51 -2.96
N LEU B 259 -9.08 -15.35 -4.11
CA LEU B 259 -8.65 -16.49 -4.96
C LEU B 259 -7.70 -17.41 -4.18
N MET B 260 -6.57 -16.88 -3.70
CA MET B 260 -5.58 -17.61 -2.87
C MET B 260 -6.28 -18.36 -1.74
N LYS B 261 -7.31 -17.77 -1.13
CA LYS B 261 -8.10 -18.42 -0.04
C LYS B 261 -8.79 -19.66 -0.62
N HIS B 262 -9.43 -19.53 -1.77
CA HIS B 262 -10.13 -20.66 -2.43
C HIS B 262 -9.12 -21.74 -2.80
N LEU B 263 -7.91 -21.35 -3.19
CA LEU B 263 -6.83 -22.30 -3.60
C LEU B 263 -6.10 -22.88 -2.38
N GLY B 264 -6.39 -22.40 -1.16
CA GLY B 264 -5.79 -22.95 0.07
C GLY B 264 -4.33 -22.53 0.20
N LEU B 265 -3.94 -21.48 -0.53
CA LEU B 265 -2.55 -20.96 -0.57
C LEU B 265 -2.45 -19.73 0.33
N GLU B 266 -1.37 -19.64 1.10
CA GLU B 266 -1.02 -18.41 1.87
C GLU B 266 -0.33 -17.41 0.93
N ILE B 267 -0.55 -16.14 1.19
CA ILE B 267 0.23 -15.02 0.59
C ILE B 267 1.46 -14.84 1.46
N PRO B 268 2.67 -15.07 0.92
CA PRO B 268 3.90 -14.95 1.69
C PRO B 268 4.27 -13.50 2.03
N ALA B 269 5.02 -13.39 3.12
CA ALA B 269 5.67 -12.17 3.66
C ALA B 269 6.73 -11.68 2.69
N TRP B 270 6.86 -10.37 2.54
CA TRP B 270 7.94 -9.75 1.73
C TRP B 270 9.09 -9.39 2.66
N ASP B 271 10.28 -9.95 2.39
CA ASP B 271 11.49 -9.83 3.23
C ASP B 271 12.19 -8.47 3.01
N GLY B 272 11.67 -7.63 2.10
CA GLY B 272 12.40 -6.49 1.53
C GLY B 272 12.95 -6.86 0.15
N PRO B 273 13.63 -5.94 -0.55
CA PRO B 273 14.01 -6.17 -1.94
C PRO B 273 14.94 -7.38 -2.09
N ARG B 274 14.50 -8.38 -2.82
CA ARG B 274 15.33 -9.58 -3.13
C ARG B 274 15.21 -9.93 -4.61
N VAL B 275 16.29 -10.42 -5.21
CA VAL B 275 16.39 -10.74 -6.68
C VAL B 275 16.63 -12.24 -6.84
N LEU B 276 15.70 -12.94 -7.47
CA LEU B 276 15.81 -14.37 -7.85
C LEU B 276 15.91 -14.45 -9.37
N GLU B 277 17.05 -14.91 -9.89
CA GLU B 277 17.25 -15.07 -11.35
C GLU B 277 16.36 -16.21 -11.84
N ARG B 278 16.39 -17.38 -11.18
CA ARG B 278 15.86 -18.65 -11.74
C ARG B 278 14.79 -19.26 -10.84
N ALA B 279 13.69 -19.66 -11.46
CA ALA B 279 12.57 -20.42 -10.84
C ALA B 279 13.12 -21.72 -10.26
N LEU B 280 12.50 -22.18 -9.17
CA LEU B 280 12.77 -23.49 -8.53
C LEU B 280 11.72 -24.48 -9.01
N PRO B 281 11.97 -25.80 -8.83
CA PRO B 281 10.91 -26.80 -8.92
C PRO B 281 9.76 -26.33 -8.04
N PRO B 282 8.49 -26.65 -8.35
CA PRO B 282 7.38 -26.20 -7.53
C PRO B 282 7.40 -26.77 -6.09
N LEU B 283 6.94 -25.96 -5.13
CA LEU B 283 6.72 -26.39 -3.72
C LEU B 283 5.47 -27.26 -3.68
N PRO B 284 5.24 -28.02 -2.59
CA PRO B 284 3.99 -28.78 -2.47
C PRO B 284 2.79 -27.84 -2.57
N ARG B 285 1.66 -28.31 -3.13
CA ARG B 285 0.40 -27.51 -3.16
C ARG B 285 -0.77 -28.38 -2.74
N PRO B 286 -1.90 -27.79 -2.27
CA PRO B 286 -3.06 -28.58 -1.88
C PRO B 286 -3.55 -29.45 -3.02
N PRO B 287 -4.20 -30.60 -2.74
CA PRO B 287 -4.84 -31.41 -3.79
C PRO B 287 -6.01 -30.65 -4.42
N THR B 288 -6.38 -31.01 -5.64
CA THR B 288 -7.37 -30.28 -6.46
C THR B 288 -8.76 -30.73 -6.04
N PRO B 289 -9.73 -29.79 -5.89
CA PRO B 289 -11.14 -30.19 -5.76
C PRO B 289 -11.61 -30.94 -7.01
N LYS B 290 -12.59 -31.82 -6.81
CA LYS B 290 -13.44 -32.41 -7.87
C LYS B 290 -14.26 -31.27 -8.51
N LEU B 291 -14.26 -31.15 -9.83
CA LEU B 291 -14.92 -29.98 -10.48
C LEU B 291 -16.24 -30.40 -11.14
N GLU B 292 -16.28 -31.46 -11.95
CA GLU B 292 -17.51 -31.96 -12.62
C GLU B 292 -18.04 -33.20 -11.88
#